data_8WF4
#
_entry.id   8WF4
#
_cell.length_a   39.676
_cell.length_b   143.632
_cell.length_c   60.228
_cell.angle_alpha   90.000
_cell.angle_beta   95.830
_cell.angle_gamma   90.000
#
_symmetry.space_group_name_H-M   'P 1 21 1'
#
loop_
_entity.id
_entity.type
_entity.pdbx_description
1 polymer 'Ribosomal protein S6 kinase alpha-1'
2 non-polymer 1,2-ETHANEDIOL
3 water water
#
_entity_poly.entity_id   1
_entity_poly.type   'polypeptide(L)'
_entity_poly.pdbx_seq_one_letter_code
;NLVFSDGYVVKETIGVGSYSECKRCVHKATNMEYAVKVIDKSKRDPSEEIEILLRYGQHPNIITLKDVYDDGKHVYLVTE
LMRGGELLDKILRQKFFSEREASFVLHTIGKTVEYLHSQGVVHRDLKPSNILYVDESGNPECLRICDFGFAKQLRAENGL
LMTPCYTANFVAPEVLKRQGYDEGCDIWSLGILLYTMLAGYTPFANGPSDTPEEILTRIGSGKFTLSGGNWNTVSETAKD
LVSKMLHVDPHQRLTAKQVLQHPWVTQKDKLPQSQLSHQDLQLVKGAMAATYSALNSSKPTPQLKPIESSILAQRRVRKL
PSTTL
;
_entity_poly.pdbx_strand_id   A,B
#
loop_
_chem_comp.id
_chem_comp.type
_chem_comp.name
_chem_comp.formula
EDO non-polymer 1,2-ETHANEDIOL 'C2 H6 O2'
#
# COMPACT_ATOMS: atom_id res chain seq x y z
N ASP A 6 2.77 -26.61 16.19
CA ASP A 6 3.63 -25.38 16.18
C ASP A 6 3.86 -24.93 14.73
N GLY A 7 3.95 -25.88 13.80
CA GLY A 7 4.05 -25.59 12.37
C GLY A 7 2.68 -25.34 11.76
N TYR A 8 2.52 -24.18 11.10
CA TYR A 8 1.27 -23.79 10.45
C TYR A 8 1.45 -23.91 8.95
N VAL A 9 0.60 -23.21 8.18
CA VAL A 9 0.82 -23.01 6.76
C VAL A 9 0.85 -21.51 6.49
N VAL A 10 2.05 -20.92 6.58
CA VAL A 10 2.24 -19.49 6.41
C VAL A 10 2.07 -19.16 4.92
N LYS A 11 1.31 -18.09 4.64
CA LYS A 11 1.06 -17.66 3.27
C LYS A 11 1.36 -16.17 3.17
N GLU A 12 0.41 -15.39 2.62
CA GLU A 12 0.62 -13.99 2.31
C GLU A 12 0.83 -13.18 3.60
N THR A 13 1.49 -12.02 3.45
CA THR A 13 1.65 -11.07 4.53
C THR A 13 0.49 -10.06 4.47
N ILE A 14 -0.12 -9.79 5.62
CA ILE A 14 -1.28 -8.91 5.70
C ILE A 14 -0.80 -7.48 5.87
N GLY A 15 -0.08 -7.22 6.97
CA GLY A 15 0.40 -5.88 7.30
C GLY A 15 1.84 -5.90 7.81
N VAL A 16 2.29 -4.74 8.31
CA VAL A 16 3.64 -4.57 8.80
C VAL A 16 3.60 -3.64 10.02
N GLY A 17 4.69 -3.66 10.81
CA GLY A 17 4.80 -2.83 11.99
C GLY A 17 6.21 -2.81 12.56
N SER A 18 6.38 -2.11 13.69
CA SER A 18 7.68 -1.99 14.33
C SER A 18 7.98 -3.26 15.14
N TYR A 19 9.01 -3.99 14.70
CA TYR A 19 9.52 -5.17 15.40
C TYR A 19 8.52 -6.32 15.30
N SER A 20 7.63 -6.29 14.31
CA SER A 20 6.58 -7.29 14.18
C SER A 20 6.02 -7.32 12.76
N GLU A 21 5.63 -8.51 12.31
CA GLU A 21 5.00 -8.71 11.02
C GLU A 21 3.80 -9.64 11.19
N CYS A 22 2.76 -9.40 10.39
CA CYS A 22 1.50 -10.12 10.51
C CYS A 22 1.17 -10.84 9.20
N LYS A 23 1.18 -12.18 9.23
CA LYS A 23 0.95 -13.00 8.05
C LYS A 23 -0.33 -13.81 8.23
N ARG A 24 -0.79 -14.40 7.13
CA ARG A 24 -2.04 -15.16 7.10
C ARG A 24 -1.73 -16.65 7.10
N CYS A 25 -1.88 -17.28 8.27
CA CYS A 25 -1.70 -18.71 8.42
C CYS A 25 -3.03 -19.43 8.27
N VAL A 26 -2.99 -20.67 7.76
CA VAL A 26 -4.19 -21.47 7.56
C VAL A 26 -3.86 -22.92 7.92
N HIS A 27 -4.15 -23.32 9.16
CA HIS A 27 -3.81 -24.64 9.64
C HIS A 27 -4.81 -25.09 10.71
N LYS A 28 -4.32 -25.32 11.94
CA LYS A 28 -5.07 -25.99 13.00
C LYS A 28 -5.31 -27.46 12.63
N ALA A 29 -4.55 -27.97 11.65
CA ALA A 29 -4.74 -29.31 11.11
C ALA A 29 -6.20 -29.53 10.72
N THR A 30 -6.84 -28.49 10.15
CA THR A 30 -8.22 -28.59 9.71
C THR A 30 -8.55 -27.45 8.72
N ASN A 31 -7.56 -27.05 7.92
CA ASN A 31 -7.70 -25.98 6.94
C ASN A 31 -8.57 -24.86 7.53
N MET A 32 -8.16 -24.34 8.69
CA MET A 32 -8.86 -23.26 9.36
C MET A 32 -8.01 -21.99 9.26
N GLU A 33 -8.59 -20.94 8.67
CA GLU A 33 -7.87 -19.72 8.39
C GLU A 33 -7.79 -18.85 9.65
N TYR A 34 -6.60 -18.29 9.90
CA TYR A 34 -6.35 -17.44 11.06
C TYR A 34 -5.34 -16.36 10.67
N ALA A 35 -5.05 -15.46 11.62
CA ALA A 35 -3.96 -14.51 11.49
C ALA A 35 -2.92 -14.82 12.56
N VAL A 36 -1.64 -14.56 12.24
CA VAL A 36 -0.55 -14.81 13.18
C VAL A 36 0.41 -13.62 13.15
N LYS A 37 0.60 -13.00 14.32
CA LYS A 37 1.54 -11.91 14.48
C LYS A 37 2.86 -12.49 14.95
N VAL A 38 3.94 -12.15 14.22
CA VAL A 38 5.27 -12.66 14.51
C VAL A 38 6.11 -11.53 15.09
N ILE A 39 6.30 -11.56 16.42
CA ILE A 39 7.10 -10.56 17.11
C ILE A 39 8.50 -11.12 17.33
N ASP A 40 9.52 -10.31 16.99
CA ASP A 40 10.90 -10.68 17.21
C ASP A 40 11.21 -10.57 18.71
N LYS A 41 11.51 -11.72 19.32
CA LYS A 41 11.67 -11.83 20.77
C LYS A 41 12.83 -10.93 21.21
N SER A 42 13.86 -10.81 20.36
CA SER A 42 15.04 -10.02 20.66
C SER A 42 14.74 -8.53 20.58
N LYS A 43 13.91 -8.13 19.60
CA LYS A 43 13.60 -6.72 19.38
C LYS A 43 12.62 -6.22 20.44
N ARG A 44 11.58 -7.01 20.72
CA ARG A 44 10.48 -6.56 21.56
C ARG A 44 10.03 -7.70 22.48
N ASP A 45 9.50 -7.32 23.65
CA ASP A 45 8.95 -8.27 24.61
C ASP A 45 7.43 -8.09 24.66
N PRO A 46 6.64 -9.08 24.19
CA PRO A 46 5.18 -8.98 24.18
C PRO A 46 4.49 -9.54 25.42
N SER A 47 5.05 -9.24 26.61
CA SER A 47 4.53 -9.76 27.87
C SER A 47 3.17 -9.13 28.16
N GLU A 48 3.14 -7.79 28.17
CA GLU A 48 1.94 -7.05 28.51
C GLU A 48 0.82 -7.36 27.51
N GLU A 49 1.17 -7.41 26.22
CA GLU A 49 0.21 -7.62 25.14
C GLU A 49 -0.52 -8.95 25.33
N ILE A 50 0.26 -10.02 25.52
CA ILE A 50 -0.31 -11.36 25.61
C ILE A 50 -1.22 -11.47 26.83
N GLU A 51 -0.77 -10.89 27.96
CA GLU A 51 -1.52 -10.95 29.21
C GLU A 51 -2.85 -10.22 29.07
N ILE A 52 -2.86 -9.11 28.30
CA ILE A 52 -4.07 -8.35 28.05
C ILE A 52 -5.02 -9.17 27.17
N LEU A 53 -4.47 -9.79 26.12
CA LEU A 53 -5.27 -10.58 25.18
C LEU A 53 -5.83 -11.82 25.88
N LEU A 54 -5.03 -12.42 26.77
CA LEU A 54 -5.42 -13.62 27.48
C LEU A 54 -6.52 -13.32 28.50
N ARG A 55 -6.52 -12.08 29.04
CA ARG A 55 -7.43 -11.72 30.11
C ARG A 55 -8.71 -11.06 29.57
N TYR A 56 -8.62 -10.41 28.41
CA TYR A 56 -9.71 -9.60 27.90
C TYR A 56 -10.06 -9.93 26.44
N GLY A 57 -9.48 -11.00 25.89
CA GLY A 57 -9.73 -11.37 24.50
C GLY A 57 -11.14 -11.90 24.25
N GLN A 58 -11.75 -12.44 25.32
CA GLN A 58 -13.08 -13.05 25.21
C GLN A 58 -14.15 -11.99 25.02
N HIS A 59 -13.81 -10.72 25.28
CA HIS A 59 -14.69 -9.62 24.92
C HIS A 59 -14.99 -9.72 23.42
N PRO A 60 -16.28 -9.62 23.01
CA PRO A 60 -16.65 -9.87 21.61
C PRO A 60 -16.14 -8.84 20.61
N ASN A 61 -15.86 -7.62 21.10
CA ASN A 61 -15.38 -6.53 20.26
C ASN A 61 -13.89 -6.29 20.51
N ILE A 62 -13.21 -7.27 21.13
CA ILE A 62 -11.76 -7.29 21.21
C ILE A 62 -11.27 -8.54 20.49
N ILE A 63 -10.15 -8.41 19.77
CA ILE A 63 -9.59 -9.50 18.99
C ILE A 63 -9.20 -10.64 19.93
N THR A 64 -9.72 -11.83 19.64
CA THR A 64 -9.55 -12.99 20.50
C THR A 64 -8.25 -13.70 20.15
N LEU A 65 -7.56 -14.20 21.18
CA LEU A 65 -6.29 -14.90 21.00
C LEU A 65 -6.56 -16.41 20.96
N LYS A 66 -6.00 -17.08 19.94
CA LYS A 66 -6.29 -18.48 19.69
C LYS A 66 -5.15 -19.33 20.25
N ASP A 67 -3.91 -19.07 19.79
CA ASP A 67 -2.74 -19.81 20.24
C ASP A 67 -1.60 -18.85 20.53
N VAL A 68 -0.61 -19.35 21.30
CA VAL A 68 0.60 -18.61 21.62
C VAL A 68 1.78 -19.59 21.64
N TYR A 69 2.88 -19.18 21.01
CA TYR A 69 4.10 -19.99 20.96
C TYR A 69 5.32 -19.09 21.12
N ASP A 70 6.40 -19.65 21.68
CA ASP A 70 7.66 -18.95 21.81
C ASP A 70 8.79 -19.98 21.84
N ASP A 71 9.63 -19.96 20.79
CA ASP A 71 10.78 -20.84 20.68
C ASP A 71 12.02 -20.16 21.27
N GLY A 72 11.87 -18.89 21.68
CA GLY A 72 12.96 -18.12 22.24
C GLY A 72 13.40 -16.99 21.33
N LYS A 73 13.22 -17.20 20.01
CA LYS A 73 13.68 -16.25 19.00
C LYS A 73 12.52 -15.43 18.46
N HIS A 74 11.33 -16.05 18.35
CA HIS A 74 10.15 -15.36 17.87
C HIS A 74 8.93 -15.79 18.68
N VAL A 75 7.94 -14.89 18.77
CA VAL A 75 6.66 -15.18 19.40
C VAL A 75 5.60 -15.26 18.30
N TYR A 76 4.60 -16.13 18.49
CA TYR A 76 3.57 -16.36 17.49
C TYR A 76 2.18 -16.21 18.13
N LEU A 77 1.60 -15.01 17.98
CA LEU A 77 0.26 -14.72 18.48
C LEU A 77 -0.75 -15.02 17.39
N VAL A 78 -1.37 -16.21 17.45
CA VAL A 78 -2.36 -16.62 16.46
C VAL A 78 -3.73 -16.14 16.91
N THR A 79 -4.34 -15.26 16.10
CA THR A 79 -5.63 -14.66 16.42
C THR A 79 -6.62 -14.97 15.31
N GLU A 80 -7.88 -14.59 15.53
CA GLU A 80 -8.93 -14.70 14.52
C GLU A 80 -8.62 -13.71 13.38
N LEU A 81 -8.90 -14.14 12.14
CA LEU A 81 -8.54 -13.38 10.95
C LEU A 81 -9.57 -12.28 10.71
N MET A 82 -9.08 -11.09 10.35
CA MET A 82 -9.92 -9.94 10.10
C MET A 82 -10.17 -9.83 8.59
N ARG A 83 -11.22 -10.52 8.11
CA ARG A 83 -11.49 -10.64 6.69
C ARG A 83 -12.19 -9.39 6.16
N GLY A 84 -12.78 -8.59 7.06
CA GLY A 84 -13.56 -7.43 6.67
C GLY A 84 -12.70 -6.20 6.38
N GLY A 85 -11.39 -6.29 6.65
CA GLY A 85 -10.48 -5.18 6.42
C GLY A 85 -10.59 -4.14 7.53
N GLU A 86 -10.21 -2.89 7.23
CA GLU A 86 -10.23 -1.81 8.20
C GLU A 86 -11.61 -1.15 8.20
N LEU A 87 -11.87 -0.35 9.23
CA LEU A 87 -13.15 0.31 9.43
C LEU A 87 -13.42 1.28 8.28
N LEU A 88 -12.43 2.13 7.97
CA LEU A 88 -12.60 3.16 6.95
C LEU A 88 -12.75 2.53 5.57
N ASP A 89 -12.06 1.40 5.34
CA ASP A 89 -12.09 0.71 4.06
C ASP A 89 -13.50 0.24 3.74
N LYS A 90 -14.36 0.07 4.75
CA LYS A 90 -15.72 -0.39 4.55
C LYS A 90 -16.67 0.80 4.47
N ILE A 91 -16.63 1.67 5.48
CA ILE A 91 -17.65 2.70 5.65
C ILE A 91 -17.52 3.76 4.55
N LEU A 92 -16.29 4.03 4.10
CA LEU A 92 -16.05 5.05 3.08
C LEU A 92 -15.97 4.43 1.68
N ARG A 93 -16.37 3.16 1.54
CA ARG A 93 -16.49 2.54 0.23
C ARG A 93 -17.94 2.09 0.03
N GLN A 94 -18.17 0.77 0.16
CA GLN A 94 -19.42 0.15 -0.25
C GLN A 94 -20.21 -0.24 0.99
N LYS A 95 -20.78 0.78 1.65
CA LYS A 95 -21.64 0.59 2.80
C LYS A 95 -22.39 1.89 3.06
N PHE A 96 -23.71 1.80 3.19
CA PHE A 96 -24.51 2.96 3.53
C PHE A 96 -24.11 3.42 4.93
N PHE A 97 -23.62 4.66 5.01
CA PHE A 97 -23.11 5.22 6.25
C PHE A 97 -23.77 6.57 6.53
N SER A 98 -24.46 6.66 7.67
CA SER A 98 -25.05 7.90 8.15
C SER A 98 -24.71 8.07 9.63
N GLU A 99 -25.20 9.17 10.22
CA GLU A 99 -24.98 9.43 11.65
C GLU A 99 -25.50 8.26 12.49
N ARG A 100 -26.49 7.53 11.96
CA ARG A 100 -27.04 6.37 12.63
C ARG A 100 -25.99 5.26 12.69
N GLU A 101 -25.43 4.88 11.53
CA GLU A 101 -24.42 3.83 11.47
C GLU A 101 -23.18 4.26 12.23
N ALA A 102 -22.84 5.55 12.15
CA ALA A 102 -21.71 6.12 12.85
C ALA A 102 -21.88 5.95 14.37
N SER A 103 -23.11 6.18 14.85
CA SER A 103 -23.42 6.11 16.26
C SER A 103 -23.25 4.68 16.77
N PHE A 104 -23.66 3.69 15.96
CA PHE A 104 -23.50 2.29 16.30
C PHE A 104 -22.01 1.94 16.39
N VAL A 105 -21.20 2.52 15.50
CA VAL A 105 -19.77 2.23 15.43
C VAL A 105 -19.09 2.75 16.69
N LEU A 106 -19.41 3.99 17.07
CA LEU A 106 -18.85 4.59 18.28
C LEU A 106 -19.34 3.82 19.50
N HIS A 107 -20.64 3.53 19.53
CA HIS A 107 -21.27 2.79 20.62
C HIS A 107 -20.50 1.49 20.89
N THR A 108 -20.24 0.74 19.82
CA THR A 108 -19.60 -0.56 19.91
C THR A 108 -18.18 -0.42 20.48
N ILE A 109 -17.43 0.55 19.93
CA ILE A 109 -16.04 0.76 20.29
C ILE A 109 -15.96 1.44 21.66
N GLY A 110 -16.89 2.37 21.91
CA GLY A 110 -16.93 3.13 23.14
C GLY A 110 -17.11 2.25 24.38
N LYS A 111 -18.00 1.25 24.27
CA LYS A 111 -18.24 0.30 25.35
C LYS A 111 -17.00 -0.54 25.62
N THR A 112 -16.30 -0.92 24.54
CA THR A 112 -15.10 -1.74 24.65
C THR A 112 -14.02 -0.97 25.41
N VAL A 113 -13.88 0.32 25.09
CA VAL A 113 -12.89 1.18 25.73
C VAL A 113 -13.30 1.42 27.18
N GLU A 114 -14.60 1.61 27.43
CA GLU A 114 -15.11 1.79 28.78
C GLU A 114 -14.78 0.57 29.63
N TYR A 115 -14.91 -0.63 29.02
CA TYR A 115 -14.59 -1.86 29.72
C TYR A 115 -13.11 -1.89 30.06
N LEU A 116 -12.26 -1.53 29.09
CA LEU A 116 -10.82 -1.58 29.26
C LEU A 116 -10.36 -0.55 30.29
N HIS A 117 -10.92 0.67 30.22
CA HIS A 117 -10.58 1.73 31.16
C HIS A 117 -10.98 1.34 32.58
N SER A 118 -12.10 0.62 32.72
CA SER A 118 -12.61 0.22 34.02
C SER A 118 -11.77 -0.90 34.63
N GLN A 119 -11.07 -1.67 33.77
CA GLN A 119 -10.15 -2.71 34.22
C GLN A 119 -8.73 -2.15 34.34
N GLY A 120 -8.56 -0.85 34.04
CA GLY A 120 -7.27 -0.19 34.17
C GLY A 120 -6.35 -0.48 32.98
N VAL A 121 -6.96 -0.74 31.81
CA VAL A 121 -6.20 -0.97 30.59
C VAL A 121 -6.42 0.22 29.64
N VAL A 122 -5.30 0.77 29.14
CA VAL A 122 -5.33 1.80 28.11
C VAL A 122 -4.67 1.22 26.86
N HIS A 123 -5.13 1.67 25.69
CA HIS A 123 -4.65 1.15 24.41
C HIS A 123 -3.47 1.97 23.92
N ARG A 124 -3.67 3.29 23.85
CA ARG A 124 -2.64 4.26 23.48
C ARG A 124 -2.20 4.04 22.03
N ASP A 125 -3.09 3.48 21.20
CA ASP A 125 -2.85 3.32 19.77
C ASP A 125 -4.18 3.05 19.08
N LEU A 126 -5.17 3.91 19.36
CA LEU A 126 -6.50 3.77 18.80
C LEU A 126 -6.59 4.56 17.48
N LYS A 127 -5.85 4.08 16.47
CA LYS A 127 -5.95 4.62 15.13
C LYS A 127 -6.96 3.76 14.36
N PRO A 128 -7.73 4.34 13.41
CA PRO A 128 -8.77 3.60 12.69
C PRO A 128 -8.28 2.39 11.89
N SER A 129 -6.95 2.26 11.78
CA SER A 129 -6.33 1.11 11.12
C SER A 129 -6.15 -0.05 12.10
N ASN A 130 -6.42 0.19 13.38
CA ASN A 130 -6.35 -0.84 14.41
C ASN A 130 -7.76 -1.32 14.77
N ILE A 131 -8.78 -0.80 14.07
CA ILE A 131 -10.15 -1.28 14.21
C ILE A 131 -10.56 -1.94 12.90
N LEU A 132 -10.98 -3.21 12.98
CA LEU A 132 -11.23 -4.02 11.81
C LEU A 132 -12.50 -4.85 11.98
N TYR A 133 -13.19 -5.09 10.87
CA TYR A 133 -14.31 -6.01 10.81
C TYR A 133 -13.79 -7.44 10.67
N VAL A 134 -14.48 -8.41 11.27
CA VAL A 134 -14.07 -9.80 11.22
C VAL A 134 -14.58 -10.45 9.93
N ASP A 135 -15.76 -10.00 9.46
CA ASP A 135 -16.31 -10.42 8.18
C ASP A 135 -16.76 -9.18 7.42
N GLU A 136 -17.20 -9.38 6.16
CA GLU A 136 -17.41 -8.27 5.23
C GLU A 136 -18.84 -7.73 5.30
N SER A 137 -19.53 -7.98 6.42
CA SER A 137 -20.91 -7.53 6.58
C SER A 137 -20.96 -6.03 6.79
N GLY A 138 -19.97 -5.49 7.51
CA GLY A 138 -19.99 -4.10 7.94
C GLY A 138 -20.90 -3.89 9.15
N ASN A 139 -21.25 -4.99 9.82
CA ASN A 139 -22.14 -4.95 10.96
C ASN A 139 -21.36 -4.51 12.19
N PRO A 140 -21.93 -3.67 13.08
CA PRO A 140 -21.23 -3.17 14.26
C PRO A 140 -20.63 -4.25 15.16
N GLU A 141 -21.33 -5.39 15.30
CA GLU A 141 -20.90 -6.44 16.21
C GLU A 141 -19.72 -7.22 15.63
N CYS A 142 -19.39 -6.97 14.34
CA CYS A 142 -18.25 -7.60 13.70
C CYS A 142 -16.96 -6.82 13.97
N LEU A 143 -17.07 -5.68 14.66
CA LEU A 143 -15.92 -4.85 14.97
C LEU A 143 -15.04 -5.53 16.01
N ARG A 144 -13.73 -5.25 15.91
CA ARG A 144 -12.72 -5.80 16.81
C ARG A 144 -11.61 -4.76 16.97
N ILE A 145 -11.30 -4.40 18.22
CA ILE A 145 -10.13 -3.60 18.52
C ILE A 145 -8.92 -4.53 18.53
N CYS A 146 -7.84 -4.12 17.85
CA CYS A 146 -6.71 -4.99 17.58
C CYS A 146 -5.40 -4.30 17.94
N ASP A 147 -4.32 -5.10 17.96
CA ASP A 147 -2.96 -4.61 18.11
C ASP A 147 -2.80 -3.91 19.46
N PHE A 148 -2.62 -4.70 20.52
CA PHE A 148 -2.42 -4.17 21.87
C PHE A 148 -0.93 -4.09 22.17
N GLY A 149 -0.16 -3.53 21.23
CA GLY A 149 1.28 -3.42 21.35
C GLY A 149 1.68 -2.33 22.33
N PHE A 150 1.01 -1.17 22.23
CA PHE A 150 1.33 -0.02 23.06
C PHE A 150 0.33 0.09 24.21
N ALA A 151 -0.40 -0.99 24.50
CA ALA A 151 -1.38 -1.01 25.58
C ALA A 151 -0.68 -1.35 26.89
N LYS A 152 -1.15 -0.75 27.99
CA LYS A 152 -0.55 -0.90 29.30
C LYS A 152 -1.63 -1.15 30.35
N GLN A 153 -1.41 -2.18 31.19
CA GLN A 153 -2.27 -2.45 32.33
C GLN A 153 -1.79 -1.64 33.53
N LEU A 154 -2.75 -1.10 34.30
CA LEU A 154 -2.44 -0.41 35.54
C LEU A 154 -2.02 -1.43 36.59
N ARG A 155 -0.76 -1.33 37.04
CA ARG A 155 -0.21 -2.23 38.02
C ARG A 155 0.13 -1.47 39.29
N ALA A 156 0.26 -2.21 40.40
CA ALA A 156 0.61 -1.63 41.69
C ALA A 156 2.14 -1.53 41.80
N GLU A 157 2.60 -1.07 42.97
CA GLU A 157 4.02 -0.95 43.24
C GLU A 157 4.64 -2.35 43.27
N ASN A 158 3.94 -3.28 43.91
CA ASN A 158 4.37 -4.67 44.03
C ASN A 158 4.16 -5.44 42.72
N GLY A 159 3.40 -4.86 41.80
CA GLY A 159 3.23 -5.41 40.46
C GLY A 159 1.91 -6.16 40.28
N LEU A 160 0.92 -5.84 41.11
CA LEU A 160 -0.40 -6.46 41.03
C LEU A 160 -1.33 -5.59 40.19
N LEU A 161 -2.16 -6.25 39.37
CA LEU A 161 -3.12 -5.57 38.52
C LEU A 161 -4.11 -4.82 39.41
N MET A 162 -4.42 -3.57 39.01
CA MET A 162 -5.29 -2.72 39.80
C MET A 162 -6.29 -2.02 38.87
N THR A 163 -7.48 -1.77 39.41
CA THR A 163 -8.52 -1.03 38.71
C THR A 163 -8.47 0.42 39.17
N PRO A 164 -8.97 1.39 38.37
CA PRO A 164 -9.13 2.77 38.84
C PRO A 164 -10.16 2.91 39.96
N CYS A 165 -11.06 1.92 40.08
CA CYS A 165 -12.02 1.86 41.17
C CYS A 165 -11.30 1.71 42.51
N TYR A 166 -10.34 0.77 42.57
CA TYR A 166 -9.53 0.57 43.76
C TYR A 166 -8.65 1.81 43.98
N THR A 167 -7.91 2.19 42.94
CA THR A 167 -7.04 3.35 42.97
C THR A 167 -7.88 4.63 42.87
N PRO A 173 -2.04 9.42 43.69
CA PRO A 173 -2.80 10.54 43.13
C PRO A 173 -2.32 10.93 41.72
N GLU A 174 -1.01 11.15 41.59
CA GLU A 174 -0.40 11.44 40.30
C GLU A 174 -0.23 10.15 39.51
N VAL A 175 -0.12 9.02 40.22
CA VAL A 175 -0.06 7.70 39.61
C VAL A 175 -1.33 7.45 38.80
N LEU A 176 -2.48 7.91 39.34
CA LEU A 176 -3.77 7.70 38.72
C LEU A 176 -4.02 8.78 37.65
N LYS A 177 -3.46 9.98 37.87
CA LYS A 177 -3.59 11.06 36.90
C LYS A 177 -2.88 10.70 35.60
N ARG A 178 -1.91 9.77 35.68
CA ARG A 178 -1.26 9.25 34.49
C ARG A 178 -2.27 8.49 33.64
N GLN A 179 -3.07 7.63 34.27
CA GLN A 179 -4.16 6.92 33.59
C GLN A 179 -5.15 7.94 33.03
N GLY A 180 -5.54 8.92 33.86
CA GLY A 180 -6.46 9.97 33.45
C GLY A 180 -6.04 10.66 32.15
N TYR A 181 -4.72 10.83 31.97
CA TYR A 181 -4.15 11.37 30.74
C TYR A 181 -4.22 10.32 29.64
N ASP A 182 -3.73 9.12 29.94
CA ASP A 182 -3.62 8.03 28.96
C ASP A 182 -5.01 7.61 28.48
N GLU A 183 -5.99 7.64 29.39
CA GLU A 183 -7.39 7.39 29.05
C GLU A 183 -7.90 8.50 28.14
N GLY A 184 -7.57 9.76 28.50
CA GLY A 184 -8.01 10.93 27.76
C GLY A 184 -7.45 10.98 26.34
N CYS A 185 -6.33 10.30 26.10
CA CYS A 185 -5.74 10.21 24.78
C CYS A 185 -6.45 9.16 23.93
N ASP A 186 -6.93 8.08 24.56
CA ASP A 186 -7.72 7.07 23.89
C ASP A 186 -9.05 7.68 23.46
N ILE A 187 -9.63 8.54 24.30
CA ILE A 187 -10.90 9.20 24.00
C ILE A 187 -10.69 10.21 22.88
N TRP A 188 -9.54 10.88 22.87
CA TRP A 188 -9.20 11.84 21.84
C TRP A 188 -9.01 11.13 20.50
N SER A 189 -8.48 9.91 20.53
CA SER A 189 -8.28 9.11 19.34
C SER A 189 -9.62 8.71 18.73
N LEU A 190 -10.63 8.46 19.58
CA LEU A 190 -11.98 8.18 19.12
C LEU A 190 -12.63 9.45 18.60
N GLY A 191 -12.19 10.61 19.12
CA GLY A 191 -12.73 11.90 18.74
C GLY A 191 -12.44 12.25 17.28
N ILE A 192 -11.23 11.90 16.81
CA ILE A 192 -10.84 12.19 15.44
C ILE A 192 -11.51 11.18 14.51
N LEU A 193 -11.75 9.96 15.01
CA LEU A 193 -12.46 8.94 14.25
C LEU A 193 -13.92 9.37 14.06
N LEU A 194 -14.51 9.94 15.11
CA LEU A 194 -15.85 10.49 15.04
C LEU A 194 -15.89 11.63 14.03
N TYR A 195 -14.92 12.55 14.14
CA TYR A 195 -14.80 13.68 13.23
C TYR A 195 -14.69 13.17 11.79
N THR A 196 -13.77 12.24 11.57
CA THR A 196 -13.49 11.69 10.25
C THR A 196 -14.75 11.00 9.70
N MET A 197 -15.49 10.31 10.58
CA MET A 197 -16.70 9.61 10.18
C MET A 197 -17.76 10.61 9.74
N LEU A 198 -17.86 11.73 10.46
CA LEU A 198 -18.87 12.75 10.19
C LEU A 198 -18.45 13.62 9.00
N ALA A 199 -17.23 14.16 9.07
CA ALA A 199 -16.75 15.11 8.06
C ALA A 199 -16.37 14.38 6.78
N GLY A 200 -15.88 13.14 6.90
CA GLY A 200 -15.33 12.41 5.77
C GLY A 200 -13.87 12.77 5.52
N TYR A 201 -13.26 13.48 6.49
CA TYR A 201 -11.88 13.92 6.38
C TYR A 201 -11.31 14.19 7.79
N THR A 202 -9.99 14.04 7.90
CA THR A 202 -9.27 14.18 9.16
C THR A 202 -9.31 15.64 9.61
N PRO A 203 -9.48 15.93 10.93
CA PRO A 203 -9.57 17.31 11.42
C PRO A 203 -8.28 18.11 11.43
N PHE A 204 -7.14 17.42 11.57
CA PHE A 204 -5.85 18.07 11.74
C PHE A 204 -4.90 17.70 10.60
N ALA A 205 -5.46 17.23 9.48
CA ALA A 205 -4.67 16.84 8.32
C ALA A 205 -5.53 16.87 7.06
N ASN A 206 -4.94 17.38 5.96
CA ASN A 206 -5.66 17.62 4.73
C ASN A 206 -5.27 16.58 3.68
N GLY A 207 -4.32 15.69 4.01
CA GLY A 207 -3.83 14.71 3.06
C GLY A 207 -2.59 13.99 3.57
N PRO A 208 -2.02 13.04 2.79
CA PRO A 208 -0.92 12.19 3.26
C PRO A 208 0.44 12.88 3.41
N SER A 209 0.62 14.00 2.70
CA SER A 209 1.91 14.67 2.63
C SER A 209 1.96 15.88 3.56
N ASP A 210 1.08 15.93 4.57
CA ASP A 210 1.16 16.96 5.60
C ASP A 210 2.36 16.65 6.49
N THR A 211 3.01 17.71 6.98
CA THR A 211 4.25 17.58 7.74
C THR A 211 3.94 17.60 9.24
N PRO A 212 4.78 16.96 10.07
CA PRO A 212 4.66 17.05 11.53
C PRO A 212 4.48 18.47 12.07
N GLU A 213 5.16 19.45 11.46
CA GLU A 213 5.08 20.84 11.90
C GLU A 213 3.67 21.39 11.66
N GLU A 214 3.07 21.02 10.51
CA GLU A 214 1.72 21.44 10.17
C GLU A 214 0.74 20.87 11.20
N ILE A 215 0.73 19.55 11.34
CA ILE A 215 -0.29 18.83 12.09
C ILE A 215 -0.23 19.22 13.56
N LEU A 216 0.97 19.18 14.15
CA LEU A 216 1.14 19.40 15.58
C LEU A 216 0.75 20.82 15.96
N THR A 217 0.88 21.77 15.03
CA THR A 217 0.45 23.14 15.26
C THR A 217 -1.07 23.18 15.40
N ARG A 218 -1.77 22.41 14.55
CA ARG A 218 -3.23 22.39 14.52
C ARG A 218 -3.78 21.73 15.77
N ILE A 219 -3.14 20.63 16.21
CA ILE A 219 -3.57 19.90 17.39
C ILE A 219 -3.43 20.81 18.61
N GLY A 220 -2.26 21.46 18.73
CA GLY A 220 -1.96 22.33 19.86
C GLY A 220 -2.87 23.55 19.94
N SER A 221 -3.37 24.01 18.77
CA SER A 221 -4.22 25.18 18.69
C SER A 221 -5.58 24.91 19.34
N GLY A 222 -6.02 23.65 19.26
CA GLY A 222 -7.28 23.23 19.87
C GLY A 222 -8.49 23.70 19.08
N LYS A 223 -8.30 23.94 17.77
CA LYS A 223 -9.37 24.40 16.91
C LYS A 223 -9.50 23.46 15.72
N PHE A 224 -10.73 23.31 15.22
CA PHE A 224 -11.04 22.43 14.11
C PHE A 224 -12.38 22.83 13.50
N THR A 225 -12.62 22.37 12.27
CA THR A 225 -13.75 22.80 11.47
C THR A 225 -14.99 22.01 11.87
N LEU A 226 -15.93 22.68 12.55
CA LEU A 226 -17.24 22.12 12.85
C LEU A 226 -18.31 22.90 12.07
N SER A 227 -17.91 23.55 10.98
CA SER A 227 -18.79 24.40 10.20
C SER A 227 -18.31 24.46 8.76
N GLY A 228 -19.20 24.13 7.81
CA GLY A 228 -18.88 24.17 6.39
C GLY A 228 -18.55 22.77 5.87
N GLY A 229 -19.09 22.45 4.68
CA GLY A 229 -18.93 21.14 4.07
C GLY A 229 -20.03 20.19 4.50
N ASN A 230 -19.63 19.06 5.11
CA ASN A 230 -20.58 18.09 5.63
C ASN A 230 -21.20 18.60 6.93
N TRP A 231 -20.46 19.49 7.62
CA TRP A 231 -20.83 19.97 8.95
C TRP A 231 -22.07 20.86 8.90
N ASN A 232 -22.47 21.29 7.69
CA ASN A 232 -23.66 22.11 7.52
C ASN A 232 -24.92 21.25 7.58
N THR A 233 -24.78 19.94 7.31
CA THR A 233 -25.91 19.01 7.34
C THR A 233 -25.72 17.97 8.43
N VAL A 234 -25.06 18.36 9.53
CA VAL A 234 -24.75 17.44 10.62
C VAL A 234 -25.38 17.96 11.91
N SER A 235 -25.78 17.03 12.79
CA SER A 235 -26.51 17.35 14.01
C SER A 235 -25.65 18.18 14.96
N GLU A 236 -26.33 18.98 15.80
CA GLU A 236 -25.66 19.81 16.79
C GLU A 236 -25.11 18.92 17.91
N THR A 237 -25.79 17.80 18.18
CA THR A 237 -25.34 16.84 19.18
C THR A 237 -24.08 16.14 18.70
N ALA A 238 -23.98 15.91 17.38
CA ALA A 238 -22.81 15.28 16.78
C ALA A 238 -21.59 16.19 16.93
N LYS A 239 -21.81 17.51 16.80
CA LYS A 239 -20.74 18.50 16.92
C LYS A 239 -20.37 18.70 18.38
N ASP A 240 -21.37 18.64 19.26
CA ASP A 240 -21.16 18.80 20.70
C ASP A 240 -20.24 17.70 21.20
N LEU A 241 -20.40 16.49 20.65
CA LEU A 241 -19.67 15.33 21.12
C LEU A 241 -18.20 15.39 20.69
N VAL A 242 -17.95 15.72 19.41
CA VAL A 242 -16.59 15.81 18.91
C VAL A 242 -15.83 16.91 19.64
N SER A 243 -16.51 18.04 19.91
CA SER A 243 -15.87 19.18 20.56
C SER A 243 -15.40 18.79 21.95
N LYS A 244 -16.23 18.02 22.68
CA LYS A 244 -15.93 17.58 24.03
C LYS A 244 -14.90 16.46 24.01
N MET A 245 -14.91 15.65 22.93
CA MET A 245 -14.02 14.50 22.81
C MET A 245 -12.62 14.94 22.42
N LEU A 246 -12.51 16.08 21.70
CA LEU A 246 -11.24 16.57 21.18
C LEU A 246 -10.81 17.83 21.94
N HIS A 247 -11.21 17.95 23.21
CA HIS A 247 -10.83 19.09 24.02
C HIS A 247 -9.32 19.07 24.24
N VAL A 248 -8.72 20.26 24.33
CA VAL A 248 -7.27 20.42 24.27
C VAL A 248 -6.64 19.70 25.47
N ASP A 249 -7.10 20.05 26.68
CA ASP A 249 -6.64 19.44 27.91
C ASP A 249 -7.17 18.01 27.98
N PRO A 250 -6.31 16.98 27.98
CA PRO A 250 -6.76 15.58 28.10
C PRO A 250 -7.55 15.28 29.39
N HIS A 251 -7.36 16.11 30.41
CA HIS A 251 -8.00 15.92 31.70
C HIS A 251 -9.38 16.56 31.76
N GLN A 252 -9.76 17.29 30.70
CA GLN A 252 -11.08 17.89 30.61
C GLN A 252 -11.89 17.26 29.48
N ARG A 253 -11.39 16.15 28.91
CA ARG A 253 -12.13 15.40 27.91
C ARG A 253 -13.12 14.48 28.61
N LEU A 254 -14.10 13.97 27.85
CA LEU A 254 -15.10 13.06 28.38
C LEU A 254 -14.44 11.75 28.76
N THR A 255 -15.06 11.04 29.71
CA THR A 255 -14.73 9.65 29.99
C THR A 255 -15.48 8.77 28.99
N ALA A 256 -15.06 7.50 28.88
CA ALA A 256 -15.69 6.55 27.99
C ALA A 256 -17.16 6.36 28.36
N LYS A 257 -17.47 6.50 29.66
CA LYS A 257 -18.84 6.40 30.17
C LYS A 257 -19.65 7.61 29.73
N GLN A 258 -19.08 8.81 29.88
CA GLN A 258 -19.76 10.07 29.58
C GLN A 258 -20.07 10.17 28.09
N VAL A 259 -19.23 9.53 27.26
CA VAL A 259 -19.43 9.49 25.81
C VAL A 259 -20.69 8.69 25.51
N LEU A 260 -20.86 7.55 26.20
CA LEU A 260 -21.93 6.61 25.91
C LEU A 260 -23.25 7.06 26.53
N GLN A 261 -23.19 8.07 27.40
CA GLN A 261 -24.39 8.65 28.01
C GLN A 261 -24.80 9.91 27.25
N HIS A 262 -24.20 10.15 26.07
CA HIS A 262 -24.45 11.36 25.31
C HIS A 262 -25.68 11.15 24.41
N PRO A 263 -26.57 12.17 24.31
CA PRO A 263 -27.73 12.09 23.41
C PRO A 263 -27.47 11.53 22.01
N TRP A 264 -26.32 11.86 21.43
CA TRP A 264 -25.95 11.36 20.11
C TRP A 264 -25.89 9.83 20.15
N VAL A 265 -25.26 9.29 21.19
CA VAL A 265 -25.05 7.85 21.29
C VAL A 265 -26.35 7.16 21.74
N THR A 266 -26.99 7.71 22.79
CA THR A 266 -28.15 7.08 23.38
C THR A 266 -29.33 7.14 22.41
N GLN A 267 -29.78 8.35 22.09
CA GLN A 267 -31.00 8.57 21.34
C GLN A 267 -30.72 8.49 19.85
N LYS A 268 -30.76 7.26 19.31
CA LYS A 268 -30.44 7.00 17.91
C LYS A 268 -31.65 7.22 17.01
N ASP A 269 -32.83 7.35 17.60
CA ASP A 269 -34.05 7.60 16.85
C ASP A 269 -34.01 9.00 16.25
N LYS A 270 -33.38 9.94 16.97
CA LYS A 270 -33.37 11.34 16.57
C LYS A 270 -32.25 11.62 15.55
N LEU A 271 -31.40 10.63 15.29
CA LEU A 271 -30.26 10.82 14.41
C LEU A 271 -30.68 10.78 12.94
N PRO A 272 -30.13 11.66 12.07
CA PRO A 272 -30.31 11.55 10.63
C PRO A 272 -29.80 10.22 10.08
N GLN A 273 -30.36 9.81 8.94
CA GLN A 273 -30.04 8.53 8.33
C GLN A 273 -29.65 8.73 6.87
N SER A 274 -29.15 9.92 6.55
CA SER A 274 -28.76 10.28 5.19
C SER A 274 -27.29 9.97 4.97
N GLN A 275 -26.96 9.44 3.78
CA GLN A 275 -25.60 9.12 3.41
C GLN A 275 -24.70 10.34 3.62
N LEU A 276 -23.51 10.08 4.18
CA LEU A 276 -22.53 11.13 4.44
C LEU A 276 -21.51 11.16 3.32
N SER A 277 -21.05 12.37 2.98
CA SER A 277 -20.01 12.56 1.98
C SER A 277 -18.65 12.23 2.59
N HIS A 278 -17.71 11.80 1.73
CA HIS A 278 -16.36 11.50 2.17
C HIS A 278 -15.38 11.75 1.04
N GLN A 279 -14.14 12.10 1.40
CA GLN A 279 -13.06 12.24 0.43
C GLN A 279 -12.56 10.85 0.07
N ASP A 280 -11.66 10.78 -0.92
CA ASP A 280 -11.10 9.51 -1.34
C ASP A 280 -10.51 8.80 -0.13
N LEU A 281 -10.70 7.47 -0.08
CA LEU A 281 -10.28 6.67 1.05
C LEU A 281 -8.80 6.88 1.33
N GLN A 282 -7.97 6.91 0.28
CA GLN A 282 -6.52 6.93 0.41
C GLN A 282 -6.06 8.29 0.92
N LEU A 283 -6.79 9.36 0.60
CA LEU A 283 -6.53 10.68 1.15
C LEU A 283 -6.82 10.68 2.65
N VAL A 284 -7.97 10.11 3.03
CA VAL A 284 -8.41 10.07 4.41
C VAL A 284 -7.48 9.15 5.21
N LYS A 285 -7.24 7.95 4.68
CA LYS A 285 -6.29 7.01 5.28
C LYS A 285 -4.90 7.63 5.35
N GLY A 286 -4.55 8.39 4.31
CA GLY A 286 -3.26 9.07 4.24
C GLY A 286 -3.13 10.14 5.32
N ALA A 287 -4.16 10.99 5.45
CA ALA A 287 -4.19 12.06 6.43
C ALA A 287 -4.09 11.48 7.84
N MET A 288 -4.77 10.36 8.07
CA MET A 288 -4.92 9.78 9.40
C MET A 288 -3.58 9.20 9.85
N ALA A 289 -2.91 8.46 8.97
CA ALA A 289 -1.63 7.84 9.27
C ALA A 289 -0.56 8.91 9.48
N ALA A 290 -0.72 10.06 8.82
CA ALA A 290 0.20 11.18 8.96
C ALA A 290 -0.03 11.88 10.31
N THR A 291 -1.29 11.90 10.76
CA THR A 291 -1.64 12.52 12.04
C THR A 291 -0.98 11.75 13.18
N TYR A 292 -1.07 10.42 13.13
CA TYR A 292 -0.51 9.56 14.17
C TYR A 292 1.01 9.49 14.05
N SER A 293 1.54 9.74 12.84
CA SER A 293 2.97 9.82 12.62
C SER A 293 3.54 11.06 13.31
N ALA A 294 2.80 12.18 13.23
CA ALA A 294 3.19 13.42 13.87
C ALA A 294 3.14 13.28 15.40
N LEU A 295 2.19 12.48 15.90
CA LEU A 295 2.00 12.30 17.34
C LEU A 295 3.13 11.46 17.92
N ASN A 296 3.65 10.50 17.13
CA ASN A 296 4.70 9.61 17.59
C ASN A 296 6.01 10.38 17.75
N SER A 297 6.17 11.49 17.01
CA SER A 297 7.34 12.34 17.15
C SER A 297 7.35 12.98 18.54
N SER A 298 6.24 13.64 18.90
CA SER A 298 6.09 14.25 20.21
C SER A 298 5.74 13.18 21.24
N SER B 5 -8.65 20.24 -20.14
CA SER B 5 -9.36 19.67 -18.96
C SER B 5 -10.47 20.62 -18.52
N ASP B 6 -11.33 21.00 -19.48
CA ASP B 6 -12.48 21.83 -19.22
C ASP B 6 -13.58 20.99 -18.57
N GLY B 7 -13.67 19.72 -18.99
CA GLY B 7 -14.64 18.79 -18.47
C GLY B 7 -14.07 17.89 -17.36
N TYR B 8 -12.93 18.30 -16.79
CA TYR B 8 -12.30 17.55 -15.71
C TYR B 8 -12.10 18.47 -14.50
N VAL B 9 -11.96 17.83 -13.32
CA VAL B 9 -11.66 18.53 -12.08
C VAL B 9 -10.42 17.88 -11.46
N VAL B 10 -9.37 18.69 -11.29
CA VAL B 10 -8.07 18.20 -10.83
C VAL B 10 -8.16 17.94 -9.32
N LYS B 11 -7.35 16.99 -8.85
CA LYS B 11 -7.26 16.66 -7.43
C LYS B 11 -5.83 16.97 -6.96
N GLU B 12 -5.08 15.96 -6.51
CA GLU B 12 -3.78 16.18 -5.90
C GLU B 12 -2.70 15.50 -6.73
N THR B 13 -1.44 15.74 -6.36
CA THR B 13 -0.28 15.18 -7.04
C THR B 13 -0.04 13.76 -6.54
N ILE B 14 0.51 12.91 -7.42
CA ILE B 14 0.80 11.52 -7.09
C ILE B 14 2.31 11.29 -7.18
N GLY B 15 2.86 11.43 -8.39
CA GLY B 15 4.27 11.14 -8.63
C GLY B 15 5.01 12.32 -9.23
N VAL B 16 6.31 12.43 -8.91
CA VAL B 16 7.16 13.49 -9.42
C VAL B 16 7.81 13.02 -10.71
N GLY B 17 7.51 13.71 -11.82
CA GLY B 17 8.05 13.38 -13.13
C GLY B 17 9.24 14.27 -13.51
N SER B 18 9.91 13.91 -14.61
CA SER B 18 11.10 14.62 -15.06
C SER B 18 10.70 15.93 -15.73
N TYR B 19 9.84 15.84 -16.75
CA TYR B 19 9.36 17.00 -17.50
C TYR B 19 7.85 17.15 -17.35
N SER B 20 7.26 16.40 -16.41
CA SER B 20 5.82 16.35 -16.25
C SER B 20 5.45 16.16 -14.78
N GLU B 21 4.16 16.28 -14.47
CA GLU B 21 3.67 16.15 -13.12
C GLU B 21 2.36 15.35 -13.14
N CYS B 22 2.44 14.08 -12.70
CA CYS B 22 1.30 13.17 -12.72
C CYS B 22 0.40 13.43 -11.52
N LYS B 23 -0.84 13.88 -11.79
CA LYS B 23 -1.81 14.18 -10.75
C LYS B 23 -3.08 13.38 -10.98
N ARG B 24 -3.99 13.42 -9.99
CA ARG B 24 -5.28 12.77 -10.08
C ARG B 24 -6.34 13.80 -10.47
N CYS B 25 -7.42 13.31 -11.11
CA CYS B 25 -8.53 14.17 -11.49
C CYS B 25 -9.81 13.35 -11.57
N VAL B 26 -10.95 14.06 -11.65
CA VAL B 26 -12.26 13.43 -11.79
C VAL B 26 -13.09 14.27 -12.77
N HIS B 27 -13.62 13.62 -13.81
CA HIS B 27 -14.50 14.29 -14.75
C HIS B 27 -15.93 14.18 -14.22
N LYS B 28 -16.61 15.34 -14.14
CA LYS B 28 -17.91 15.44 -13.49
C LYS B 28 -19.00 14.83 -14.37
N ALA B 29 -18.68 14.57 -15.65
CA ALA B 29 -19.61 13.93 -16.56
C ALA B 29 -20.14 12.63 -15.98
N THR B 30 -19.23 11.76 -15.52
CA THR B 30 -19.59 10.47 -14.96
C THR B 30 -18.89 10.21 -13.62
N ASN B 31 -18.25 11.25 -13.05
CA ASN B 31 -17.56 11.15 -11.77
C ASN B 31 -16.71 9.87 -11.74
N MET B 32 -15.70 9.81 -12.62
CA MET B 32 -14.78 8.69 -12.68
C MET B 32 -13.37 9.19 -12.37
N GLU B 33 -12.66 8.46 -11.50
CA GLU B 33 -11.32 8.85 -11.07
C GLU B 33 -10.29 8.40 -12.11
N TYR B 34 -9.60 9.38 -12.71
CA TYR B 34 -8.56 9.11 -13.69
C TYR B 34 -7.28 9.84 -13.30
N ALA B 35 -6.16 9.41 -13.89
CA ALA B 35 -4.86 10.04 -13.69
C ALA B 35 -4.57 10.96 -14.88
N VAL B 36 -4.08 12.17 -14.58
CA VAL B 36 -3.73 13.13 -15.61
C VAL B 36 -2.23 13.42 -15.51
N LYS B 37 -1.55 13.33 -16.66
CA LYS B 37 -0.12 13.60 -16.75
C LYS B 37 0.06 14.88 -17.55
N VAL B 38 0.67 15.90 -16.93
CA VAL B 38 0.78 17.22 -17.52
C VAL B 38 2.21 17.47 -17.99
N ILE B 39 2.41 17.44 -19.31
CA ILE B 39 3.71 17.63 -19.92
C ILE B 39 3.89 19.10 -20.25
N ASP B 40 5.13 19.60 -20.09
CA ASP B 40 5.49 20.97 -20.44
C ASP B 40 5.94 21.00 -21.90
N LYS B 41 5.28 21.84 -22.71
CA LYS B 41 5.54 21.92 -24.13
C LYS B 41 6.86 22.64 -24.41
N SER B 42 7.27 23.52 -23.48
CA SER B 42 8.47 24.33 -23.66
C SER B 42 9.73 23.49 -23.49
N LYS B 43 9.64 22.37 -22.74
CA LYS B 43 10.80 21.57 -22.41
C LYS B 43 10.58 20.09 -22.75
N ARG B 44 9.58 19.79 -23.59
CA ARG B 44 9.35 18.43 -24.05
C ARG B 44 8.30 18.42 -25.17
N ASP B 45 8.46 17.50 -26.12
CA ASP B 45 7.50 17.29 -27.18
C ASP B 45 6.95 15.87 -27.09
N PRO B 46 5.69 15.68 -26.63
CA PRO B 46 5.13 14.34 -26.41
C PRO B 46 4.37 13.73 -27.59
N SER B 47 4.82 14.03 -28.81
CA SER B 47 4.13 13.61 -30.02
C SER B 47 4.19 12.09 -30.16
N GLU B 48 5.38 11.51 -29.95
CA GLU B 48 5.62 10.10 -30.18
C GLU B 48 4.96 9.25 -29.10
N GLU B 49 4.94 9.75 -27.85
CA GLU B 49 4.32 9.04 -26.75
C GLU B 49 2.82 8.85 -27.01
N ILE B 50 2.16 9.94 -27.45
CA ILE B 50 0.72 9.95 -27.62
C ILE B 50 0.32 9.01 -28.76
N GLU B 51 1.09 9.01 -29.86
CA GLU B 51 0.80 8.16 -31.00
C GLU B 51 0.76 6.70 -30.57
N ILE B 52 1.74 6.29 -29.74
CA ILE B 52 1.89 4.90 -29.33
C ILE B 52 0.75 4.48 -28.41
N LEU B 53 0.31 5.40 -27.55
CA LEU B 53 -0.75 5.10 -26.58
C LEU B 53 -2.12 5.07 -27.26
N LEU B 54 -2.30 5.90 -28.30
CA LEU B 54 -3.51 5.87 -29.09
C LEU B 54 -3.57 4.56 -29.89
N ARG B 55 -2.42 4.16 -30.43
CA ARG B 55 -2.35 3.05 -31.37
C ARG B 55 -2.45 1.72 -30.62
N TYR B 56 -1.75 1.61 -29.49
CA TYR B 56 -1.59 0.33 -28.79
C TYR B 56 -2.07 0.42 -27.34
N GLY B 57 -2.78 1.49 -26.97
CA GLY B 57 -3.29 1.64 -25.61
C GLY B 57 -4.42 0.67 -25.31
N GLN B 58 -5.08 0.18 -26.37
CA GLN B 58 -6.15 -0.79 -26.26
C GLN B 58 -5.63 -2.06 -25.59
N HIS B 59 -4.35 -2.37 -25.78
CA HIS B 59 -3.74 -3.55 -25.17
C HIS B 59 -4.10 -3.59 -23.68
N PRO B 60 -4.54 -4.75 -23.15
CA PRO B 60 -4.99 -4.84 -21.76
C PRO B 60 -3.87 -4.59 -20.74
N ASN B 61 -2.64 -4.99 -21.08
CA ASN B 61 -1.50 -4.86 -20.20
C ASN B 61 -0.65 -3.65 -20.58
N ILE B 62 -1.24 -2.70 -21.32
CA ILE B 62 -0.66 -1.38 -21.53
C ILE B 62 -1.65 -0.35 -21.02
N ILE B 63 -1.13 0.68 -20.34
CA ILE B 63 -1.95 1.73 -19.76
C ILE B 63 -2.79 2.36 -20.87
N THR B 64 -4.10 2.39 -20.66
CA THR B 64 -5.06 2.82 -21.67
C THR B 64 -5.25 4.33 -21.58
N LEU B 65 -5.26 4.98 -22.76
CA LEU B 65 -5.42 6.42 -22.85
C LEU B 65 -6.89 6.74 -23.12
N LYS B 66 -7.45 7.66 -22.31
CA LYS B 66 -8.87 7.97 -22.34
C LYS B 66 -9.12 9.21 -23.21
N ASP B 67 -8.39 10.29 -22.91
CA ASP B 67 -8.62 11.58 -23.57
C ASP B 67 -7.31 12.37 -23.55
N VAL B 68 -7.20 13.32 -24.50
CA VAL B 68 -6.02 14.17 -24.61
C VAL B 68 -6.49 15.60 -24.90
N TYR B 69 -5.66 16.58 -24.51
CA TYR B 69 -6.00 17.99 -24.66
C TYR B 69 -4.74 18.82 -24.96
N ASP B 70 -4.75 19.48 -26.12
CA ASP B 70 -3.69 20.41 -26.51
C ASP B 70 -4.03 21.79 -25.98
N ASP B 71 -3.50 22.11 -24.78
CA ASP B 71 -3.80 23.37 -24.12
C ASP B 71 -3.04 24.51 -24.78
N GLY B 72 -1.87 24.19 -25.38
CA GLY B 72 -0.99 25.19 -25.94
C GLY B 72 0.20 25.47 -25.02
N LYS B 73 -0.03 25.39 -23.70
CA LYS B 73 1.02 25.49 -22.71
C LYS B 73 1.40 24.10 -22.23
N HIS B 74 0.41 23.22 -22.05
CA HIS B 74 0.62 21.88 -21.53
C HIS B 74 -0.17 20.86 -22.36
N VAL B 75 0.13 19.57 -22.13
CA VAL B 75 -0.59 18.46 -22.74
C VAL B 75 -1.14 17.57 -21.64
N TYR B 76 -2.47 17.45 -21.57
CA TYR B 76 -3.12 16.70 -20.51
C TYR B 76 -3.49 15.31 -21.00
N LEU B 77 -2.69 14.30 -20.59
CA LEU B 77 -2.90 12.91 -20.97
C LEU B 77 -3.73 12.22 -19.89
N VAL B 78 -5.01 11.96 -20.20
CA VAL B 78 -5.91 11.30 -19.26
C VAL B 78 -5.81 9.79 -19.47
N THR B 79 -5.32 9.09 -18.43
CA THR B 79 -5.16 7.65 -18.46
C THR B 79 -5.93 7.02 -17.30
N GLU B 80 -6.05 5.69 -17.32
CA GLU B 80 -6.63 4.94 -16.22
C GLU B 80 -5.69 5.04 -15.02
N LEU B 81 -6.28 5.13 -13.83
CA LEU B 81 -5.53 5.34 -12.59
C LEU B 81 -4.93 4.01 -12.13
N MET B 82 -3.71 4.06 -11.60
CA MET B 82 -3.02 2.89 -11.09
C MET B 82 -3.13 2.85 -9.56
N ARG B 83 -4.21 2.23 -9.07
CA ARG B 83 -4.46 2.15 -7.63
C ARG B 83 -3.58 1.08 -6.99
N GLY B 84 -3.15 0.09 -7.77
CA GLY B 84 -2.45 -1.06 -7.25
C GLY B 84 -1.02 -0.77 -6.82
N GLY B 85 -0.45 0.33 -7.33
CA GLY B 85 0.92 0.70 -7.02
C GLY B 85 1.92 -0.06 -7.89
N GLU B 86 3.22 0.10 -7.57
CA GLU B 86 4.28 -0.49 -8.38
C GLU B 86 4.32 -2.01 -8.15
N LEU B 87 5.08 -2.69 -9.03
CA LEU B 87 5.14 -4.14 -9.06
C LEU B 87 5.83 -4.67 -7.81
N LEU B 88 7.04 -4.18 -7.54
CA LEU B 88 7.86 -4.69 -6.44
C LEU B 88 7.16 -4.48 -5.11
N ASP B 89 6.46 -3.35 -4.97
CA ASP B 89 5.76 -3.01 -3.73
C ASP B 89 4.77 -4.11 -3.37
N LYS B 90 4.20 -4.77 -4.37
CA LYS B 90 3.21 -5.81 -4.15
C LYS B 90 3.89 -7.16 -3.93
N ILE B 91 4.71 -7.58 -4.91
CA ILE B 91 5.21 -8.93 -4.98
C ILE B 91 6.26 -9.20 -3.90
N LEU B 92 6.98 -8.15 -3.48
CA LEU B 92 8.03 -8.29 -2.47
C LEU B 92 7.51 -7.95 -1.08
N ARG B 93 6.19 -7.77 -0.92
CA ARG B 93 5.64 -7.41 0.37
C ARG B 93 4.35 -8.21 0.61
N GLN B 94 3.18 -7.61 0.33
CA GLN B 94 1.92 -8.16 0.79
C GLN B 94 1.31 -9.07 -0.27
N LYS B 95 1.98 -10.19 -0.53
CA LYS B 95 1.54 -11.15 -1.54
C LYS B 95 2.37 -12.43 -1.42
N PHE B 96 1.71 -13.58 -1.55
CA PHE B 96 2.42 -14.85 -1.63
C PHE B 96 3.08 -14.94 -3.00
N PHE B 97 4.41 -15.01 -3.01
CA PHE B 97 5.18 -14.90 -4.24
C PHE B 97 6.17 -16.07 -4.34
N SER B 98 5.89 -16.99 -5.28
CA SER B 98 6.80 -18.08 -5.59
C SER B 98 7.26 -17.95 -7.03
N GLU B 99 8.04 -18.92 -7.51
CA GLU B 99 8.43 -19.00 -8.91
C GLU B 99 7.18 -19.05 -9.80
N ARG B 100 6.10 -19.65 -9.29
CA ARG B 100 4.85 -19.79 -10.02
C ARG B 100 4.22 -18.42 -10.25
N GLU B 101 4.10 -17.60 -9.20
CA GLU B 101 3.52 -16.27 -9.32
C GLU B 101 4.43 -15.36 -10.14
N ALA B 102 5.74 -15.59 -10.05
CA ALA B 102 6.73 -14.82 -10.78
C ALA B 102 6.62 -15.10 -12.28
N SER B 103 6.28 -16.34 -12.63
CA SER B 103 6.19 -16.77 -14.02
C SER B 103 5.02 -16.09 -14.73
N PHE B 104 3.91 -15.91 -14.00
CA PHE B 104 2.75 -15.22 -14.54
C PHE B 104 3.09 -13.74 -14.79
N VAL B 105 3.96 -13.16 -13.95
CA VAL B 105 4.34 -11.77 -14.08
C VAL B 105 5.19 -11.58 -15.34
N LEU B 106 6.19 -12.46 -15.53
CA LEU B 106 7.07 -12.36 -16.68
C LEU B 106 6.28 -12.62 -17.96
N HIS B 107 5.36 -13.58 -17.90
CA HIS B 107 4.54 -13.95 -19.05
C HIS B 107 3.67 -12.76 -19.47
N THR B 108 3.01 -12.13 -18.50
CA THR B 108 2.09 -11.03 -18.76
C THR B 108 2.82 -9.88 -19.42
N ILE B 109 3.96 -9.47 -18.84
CA ILE B 109 4.74 -8.36 -19.35
C ILE B 109 5.50 -8.79 -20.60
N GLY B 110 5.94 -10.06 -20.63
CA GLY B 110 6.75 -10.59 -21.73
C GLY B 110 6.01 -10.62 -23.05
N LYS B 111 4.71 -10.95 -23.02
CA LYS B 111 3.89 -11.00 -24.22
C LYS B 111 3.53 -9.59 -24.68
N THR B 112 3.45 -8.65 -23.71
CA THR B 112 3.17 -7.26 -24.01
C THR B 112 4.32 -6.64 -24.78
N VAL B 113 5.56 -6.96 -24.36
CA VAL B 113 6.76 -6.47 -24.99
C VAL B 113 6.92 -7.11 -26.38
N GLU B 114 6.63 -8.41 -26.45
CA GLU B 114 6.68 -9.13 -27.72
C GLU B 114 5.78 -8.46 -28.75
N TYR B 115 4.57 -8.05 -28.33
CA TYR B 115 3.64 -7.38 -29.23
C TYR B 115 4.24 -6.05 -29.68
N LEU B 116 4.81 -5.28 -28.75
CA LEU B 116 5.38 -3.97 -29.05
C LEU B 116 6.56 -4.14 -30.01
N HIS B 117 7.37 -5.18 -29.79
CA HIS B 117 8.54 -5.45 -30.62
C HIS B 117 8.11 -5.95 -32.01
N SER B 118 6.97 -6.64 -32.07
CA SER B 118 6.43 -7.13 -33.34
C SER B 118 5.89 -5.97 -34.17
N GLN B 119 5.46 -4.89 -33.50
CA GLN B 119 4.93 -3.71 -34.17
C GLN B 119 6.02 -2.66 -34.33
N GLY B 120 7.26 -3.01 -33.97
CA GLY B 120 8.40 -2.12 -34.18
C GLY B 120 8.44 -0.97 -33.18
N VAL B 121 8.06 -1.25 -31.93
CA VAL B 121 8.10 -0.26 -30.86
C VAL B 121 8.97 -0.80 -29.72
N VAL B 122 9.92 0.02 -29.29
CA VAL B 122 10.77 -0.29 -28.14
C VAL B 122 10.44 0.72 -27.04
N HIS B 123 10.45 0.24 -25.78
CA HIS B 123 10.09 1.06 -24.64
C HIS B 123 11.31 1.85 -24.18
N ARG B 124 12.44 1.15 -24.00
CA ARG B 124 13.72 1.74 -23.63
C ARG B 124 13.64 2.35 -22.24
N ASP B 125 12.79 1.79 -21.37
CA ASP B 125 12.63 2.27 -20.01
C ASP B 125 11.78 1.27 -19.23
N LEU B 126 12.13 -0.01 -19.32
CA LEU B 126 11.40 -1.07 -18.64
C LEU B 126 12.00 -1.30 -17.25
N LYS B 127 11.93 -0.26 -16.41
CA LYS B 127 12.34 -0.37 -15.03
C LYS B 127 11.10 -0.70 -14.19
N PRO B 128 11.22 -1.56 -13.16
CA PRO B 128 10.06 -1.99 -12.37
C PRO B 128 9.12 -0.89 -11.87
N SER B 129 9.62 0.35 -11.77
CA SER B 129 8.82 1.48 -11.33
C SER B 129 7.89 1.97 -12.44
N ASN B 130 8.03 1.43 -13.65
CA ASN B 130 7.16 1.76 -14.78
C ASN B 130 6.13 0.66 -15.01
N ILE B 131 6.13 -0.38 -14.16
CA ILE B 131 5.14 -1.44 -14.23
C ILE B 131 4.29 -1.38 -12.97
N LEU B 132 2.97 -1.15 -13.15
CA LEU B 132 2.07 -0.91 -12.04
C LEU B 132 0.87 -1.85 -12.12
N TYR B 133 0.29 -2.12 -10.94
CA TYR B 133 -1.01 -2.79 -10.83
C TYR B 133 -2.11 -1.73 -10.89
N VAL B 134 -3.23 -2.07 -11.54
CA VAL B 134 -4.34 -1.15 -11.69
C VAL B 134 -5.20 -1.18 -10.42
N ASP B 135 -5.19 -2.31 -9.71
CA ASP B 135 -5.94 -2.46 -8.46
C ASP B 135 -5.13 -3.30 -7.47
N GLU B 136 -5.64 -3.40 -6.24
CA GLU B 136 -4.88 -3.95 -5.12
C GLU B 136 -4.98 -5.47 -5.06
N SER B 137 -5.64 -6.09 -6.04
CA SER B 137 -5.80 -7.54 -6.06
C SER B 137 -4.44 -8.22 -6.21
N GLY B 138 -3.58 -7.65 -7.05
CA GLY B 138 -2.26 -8.20 -7.32
C GLY B 138 -2.32 -9.40 -8.27
N ASN B 139 -3.27 -9.35 -9.22
CA ASN B 139 -3.41 -10.39 -10.22
C ASN B 139 -2.66 -9.98 -11.47
N PRO B 140 -2.05 -10.94 -12.21
CA PRO B 140 -1.23 -10.62 -13.38
C PRO B 140 -1.92 -9.75 -14.43
N GLU B 141 -3.22 -10.01 -14.65
CA GLU B 141 -4.00 -9.29 -15.65
C GLU B 141 -4.04 -7.80 -15.35
N CYS B 142 -3.85 -7.44 -14.07
CA CYS B 142 -3.95 -6.05 -13.63
C CYS B 142 -2.64 -5.29 -13.87
N LEU B 143 -1.61 -5.96 -14.40
CA LEU B 143 -0.34 -5.32 -14.70
C LEU B 143 -0.52 -4.35 -15.87
N ARG B 144 0.21 -3.23 -15.81
CA ARG B 144 0.16 -2.19 -16.82
C ARG B 144 1.56 -1.60 -17.00
N ILE B 145 2.09 -1.68 -18.23
CA ILE B 145 3.33 -0.99 -18.58
C ILE B 145 3.00 0.49 -18.79
N CYS B 146 3.75 1.36 -18.12
CA CYS B 146 3.41 2.78 -18.05
C CYS B 146 4.61 3.63 -18.50
N ASP B 147 4.33 4.91 -18.74
CA ASP B 147 5.33 5.91 -19.07
C ASP B 147 6.10 5.51 -20.34
N PHE B 148 5.57 5.94 -21.49
CA PHE B 148 6.21 5.72 -22.77
C PHE B 148 6.90 7.02 -23.22
N GLY B 149 7.68 7.62 -22.31
CA GLY B 149 8.40 8.85 -22.60
C GLY B 149 9.63 8.60 -23.47
N PHE B 150 10.25 7.43 -23.30
CA PHE B 150 11.44 7.06 -24.04
C PHE B 150 11.11 6.04 -25.12
N ALA B 151 9.82 5.88 -25.44
CA ALA B 151 9.37 4.89 -26.40
C ALA B 151 9.61 5.41 -27.81
N LYS B 152 10.01 4.49 -28.72
CA LYS B 152 10.38 4.83 -30.07
C LYS B 152 9.65 3.93 -31.05
N GLN B 153 8.75 4.52 -31.84
CA GLN B 153 8.15 3.84 -32.98
C GLN B 153 9.18 3.83 -34.12
N LEU B 154 9.44 2.63 -34.67
CA LEU B 154 10.31 2.48 -35.81
C LEU B 154 9.63 3.10 -37.04
N ARG B 155 10.35 4.02 -37.71
CA ARG B 155 9.80 4.74 -38.84
C ARG B 155 10.79 4.67 -40.01
N ALA B 156 10.26 4.80 -41.24
CA ALA B 156 11.07 5.01 -42.42
C ALA B 156 11.47 6.49 -42.47
N GLU B 157 12.32 6.84 -43.45
CA GLU B 157 12.88 8.18 -43.54
C GLU B 157 11.80 9.20 -43.89
N ASN B 158 10.72 8.74 -44.54
CA ASN B 158 9.60 9.60 -44.91
C ASN B 158 8.48 9.53 -43.88
N GLY B 159 8.78 8.96 -42.70
CA GLY B 159 7.85 8.97 -41.57
C GLY B 159 6.80 7.86 -41.66
N LEU B 160 7.09 6.83 -42.47
CA LEU B 160 6.18 5.69 -42.63
C LEU B 160 6.37 4.75 -41.44
N LEU B 161 5.26 4.16 -40.97
CA LEU B 161 5.31 3.19 -39.88
C LEU B 161 5.95 1.91 -40.41
N MET B 162 6.82 1.32 -39.59
CA MET B 162 7.67 0.22 -40.04
C MET B 162 7.80 -0.81 -38.91
N THR B 163 7.81 -2.09 -39.29
CA THR B 163 7.96 -3.19 -38.34
C THR B 163 9.17 -4.02 -38.75
N PRO B 164 9.72 -4.86 -37.85
CA PRO B 164 10.76 -5.82 -38.24
C PRO B 164 10.25 -6.96 -39.11
N CYS B 165 8.92 -7.07 -39.25
CA CYS B 165 8.30 -8.05 -40.12
C CYS B 165 8.69 -7.79 -41.58
N TYR B 166 8.55 -6.53 -42.01
CA TYR B 166 8.83 -6.18 -43.40
C TYR B 166 10.33 -6.22 -43.67
N THR B 167 11.12 -5.68 -42.74
CA THR B 167 12.57 -5.72 -42.83
C THR B 167 13.04 -7.17 -42.92
N ALA B 168 14.02 -7.42 -43.80
CA ALA B 168 14.55 -8.75 -44.03
C ALA B 168 16.08 -8.70 -44.10
N PRO B 173 19.70 0.55 -42.22
CA PRO B 173 20.66 -0.44 -41.68
C PRO B 173 21.12 -0.13 -40.26
N GLU B 174 21.39 1.14 -39.98
CA GLU B 174 21.85 1.59 -38.67
C GLU B 174 20.66 1.66 -37.70
N VAL B 175 19.49 2.06 -38.22
CA VAL B 175 18.27 2.13 -37.43
C VAL B 175 17.75 0.72 -37.16
N LEU B 176 18.09 -0.23 -38.04
CA LEU B 176 17.72 -1.64 -37.86
C LEU B 176 18.49 -2.23 -36.69
N LYS B 177 19.79 -1.90 -36.60
CA LYS B 177 20.64 -2.34 -35.51
C LYS B 177 20.19 -1.71 -34.20
N ARG B 178 19.68 -0.47 -34.28
CA ARG B 178 19.30 0.29 -33.09
C ARG B 178 18.05 -0.33 -32.46
N GLN B 179 17.12 -0.82 -33.30
CA GLN B 179 15.97 -1.57 -32.82
C GLN B 179 16.43 -2.87 -32.18
N GLY B 180 17.20 -3.67 -32.94
CA GLY B 180 17.76 -4.91 -32.44
C GLY B 180 18.53 -4.73 -31.13
N TYR B 181 19.16 -3.55 -30.98
CA TYR B 181 19.84 -3.18 -29.76
C TYR B 181 18.82 -2.84 -28.67
N ASP B 182 17.90 -1.91 -28.99
CA ASP B 182 16.89 -1.44 -28.05
C ASP B 182 15.98 -2.58 -27.62
N GLU B 183 15.76 -3.55 -28.53
CA GLU B 183 15.03 -4.76 -28.20
C GLU B 183 15.80 -5.54 -27.13
N GLY B 184 17.11 -5.67 -27.32
CA GLY B 184 17.97 -6.37 -26.37
C GLY B 184 18.07 -5.66 -25.02
N CYS B 185 17.90 -4.34 -25.02
CA CYS B 185 17.93 -3.55 -23.80
C CYS B 185 16.64 -3.74 -23.01
N ASP B 186 15.50 -3.84 -23.72
CA ASP B 186 14.21 -4.09 -23.09
C ASP B 186 14.20 -5.48 -22.46
N ILE B 187 14.76 -6.47 -23.17
CA ILE B 187 14.83 -7.84 -22.68
C ILE B 187 15.78 -7.92 -21.50
N TRP B 188 16.87 -7.14 -21.55
CA TRP B 188 17.81 -7.05 -20.45
C TRP B 188 17.12 -6.53 -19.20
N SER B 189 16.23 -5.54 -19.37
CA SER B 189 15.52 -4.92 -18.26
C SER B 189 14.51 -5.88 -17.64
N LEU B 190 13.99 -6.82 -18.44
CA LEU B 190 13.11 -7.86 -17.94
C LEU B 190 13.95 -8.91 -17.19
N GLY B 191 15.21 -9.06 -17.60
CA GLY B 191 16.11 -10.03 -16.99
C GLY B 191 16.50 -9.66 -15.56
N ILE B 192 16.76 -8.37 -15.32
CA ILE B 192 17.11 -7.89 -13.99
C ILE B 192 15.85 -7.86 -13.13
N LEU B 193 14.69 -7.65 -13.77
CA LEU B 193 13.40 -7.75 -13.10
C LEU B 193 13.14 -9.19 -12.68
N LEU B 194 13.46 -10.14 -13.57
CA LEU B 194 13.34 -11.55 -13.26
C LEU B 194 14.30 -11.92 -12.13
N TYR B 195 15.54 -11.43 -12.22
CA TYR B 195 16.56 -11.71 -11.21
C TYR B 195 16.07 -11.22 -9.85
N THR B 196 15.68 -9.96 -9.78
CA THR B 196 15.19 -9.34 -8.56
C THR B 196 14.01 -10.14 -8.01
N MET B 197 13.15 -10.64 -8.91
CA MET B 197 11.98 -11.41 -8.51
C MET B 197 12.41 -12.74 -7.88
N LEU B 198 13.42 -13.39 -8.48
CA LEU B 198 13.91 -14.68 -8.01
C LEU B 198 14.73 -14.52 -6.73
N ALA B 199 15.72 -13.61 -6.77
CA ALA B 199 16.67 -13.44 -5.68
C ALA B 199 16.04 -12.67 -4.53
N GLY B 200 15.31 -11.60 -4.87
CA GLY B 200 14.85 -10.65 -3.87
C GLY B 200 15.84 -9.49 -3.70
N TYR B 201 16.90 -9.49 -4.53
CA TYR B 201 17.86 -8.40 -4.55
C TYR B 201 18.34 -8.18 -5.98
N THR B 202 18.74 -6.94 -6.28
CA THR B 202 19.17 -6.51 -7.60
C THR B 202 20.48 -7.21 -7.96
N PRO B 203 20.67 -7.67 -9.22
CA PRO B 203 21.87 -8.40 -9.62
C PRO B 203 23.17 -7.60 -9.70
N PHE B 204 23.05 -6.29 -9.96
CA PHE B 204 24.21 -5.43 -10.17
C PHE B 204 24.26 -4.30 -9.14
N ALA B 205 23.48 -4.41 -8.06
CA ALA B 205 23.44 -3.38 -7.03
C ALA B 205 23.05 -3.99 -5.70
N ASN B 206 23.67 -3.47 -4.62
CA ASN B 206 23.42 -3.93 -3.27
C ASN B 206 22.44 -2.99 -2.56
N GLY B 207 22.43 -1.73 -2.98
CA GLY B 207 21.54 -0.73 -2.40
C GLY B 207 21.64 0.60 -3.15
N PRO B 208 20.92 1.66 -2.69
CA PRO B 208 20.97 2.97 -3.34
C PRO B 208 22.28 3.72 -3.18
N SER B 209 23.10 3.30 -2.20
CA SER B 209 24.39 3.94 -1.92
C SER B 209 25.48 3.44 -2.85
N ASP B 210 25.15 2.47 -3.72
CA ASP B 210 26.08 2.00 -4.75
C ASP B 210 26.27 3.10 -5.79
N THR B 211 27.52 3.32 -6.20
CA THR B 211 27.87 4.38 -7.13
C THR B 211 27.80 3.85 -8.56
N PRO B 212 27.60 4.74 -9.56
CA PRO B 212 27.66 4.34 -10.97
C PRO B 212 28.89 3.52 -11.32
N GLU B 213 30.06 3.92 -10.78
CA GLU B 213 31.32 3.27 -11.06
C GLU B 213 31.26 1.80 -10.64
N GLU B 214 30.67 1.53 -9.47
CA GLU B 214 30.54 0.17 -8.97
C GLU B 214 29.64 -0.64 -9.89
N ILE B 215 28.46 -0.08 -10.19
CA ILE B 215 27.40 -0.78 -10.90
C ILE B 215 27.84 -1.09 -12.32
N LEU B 216 28.27 -0.05 -13.05
CA LEU B 216 28.59 -0.16 -14.47
C LEU B 216 29.71 -1.17 -14.70
N THR B 217 30.64 -1.26 -13.74
CA THR B 217 31.73 -2.23 -13.81
C THR B 217 31.16 -3.64 -13.75
N ARG B 218 30.22 -3.89 -12.83
CA ARG B 218 29.58 -5.19 -12.66
C ARG B 218 28.81 -5.54 -13.94
N ILE B 219 28.09 -4.55 -14.49
CA ILE B 219 27.32 -4.74 -15.70
C ILE B 219 28.27 -5.11 -16.85
N GLY B 220 29.36 -4.35 -16.98
CA GLY B 220 30.36 -4.59 -18.00
C GLY B 220 30.93 -6.01 -17.94
N SER B 221 31.14 -6.50 -16.70
CA SER B 221 31.70 -7.82 -16.48
C SER B 221 30.73 -8.91 -16.93
N GLY B 222 29.42 -8.61 -16.85
CA GLY B 222 28.38 -9.54 -17.26
C GLY B 222 28.34 -10.78 -16.38
N LYS B 223 28.62 -10.59 -15.08
CA LYS B 223 28.61 -11.69 -14.12
C LYS B 223 27.74 -11.29 -12.93
N PHE B 224 27.11 -12.30 -12.32
CA PHE B 224 26.15 -12.09 -11.25
C PHE B 224 25.94 -13.41 -10.50
N THR B 225 25.35 -13.32 -9.30
CA THR B 225 25.20 -14.47 -8.42
C THR B 225 24.03 -15.32 -8.89
N LEU B 226 24.29 -16.63 -9.08
CA LEU B 226 23.25 -17.61 -9.38
C LEU B 226 23.52 -18.91 -8.62
N SER B 227 24.06 -18.79 -7.41
CA SER B 227 24.36 -19.94 -6.57
C SER B 227 24.62 -19.48 -5.14
N GLY B 228 24.40 -20.39 -4.19
CA GLY B 228 24.58 -20.11 -2.78
C GLY B 228 23.38 -19.36 -2.19
N GLY B 229 22.80 -19.93 -1.13
CA GLY B 229 21.67 -19.32 -0.43
C GLY B 229 20.38 -19.45 -1.23
N ASN B 230 19.76 -18.29 -1.53
CA ASN B 230 18.54 -18.23 -2.31
C ASN B 230 18.62 -19.16 -3.52
N TRP B 231 19.74 -19.07 -4.24
CA TRP B 231 19.90 -19.68 -5.56
C TRP B 231 20.07 -21.20 -5.46
N ASN B 232 20.29 -21.73 -4.25
CA ASN B 232 20.44 -23.16 -4.08
C ASN B 232 19.07 -23.84 -4.09
N THR B 233 18.01 -23.06 -3.81
CA THR B 233 16.64 -23.58 -3.77
C THR B 233 15.83 -23.02 -4.94
N VAL B 234 16.50 -22.63 -6.02
CA VAL B 234 15.86 -22.11 -7.21
C VAL B 234 16.12 -23.08 -8.37
N SER B 235 15.15 -23.19 -9.29
CA SER B 235 15.21 -24.17 -10.37
C SER B 235 16.31 -23.80 -11.37
N GLU B 236 16.81 -24.82 -12.08
CA GLU B 236 17.85 -24.63 -13.08
C GLU B 236 17.31 -23.83 -14.26
N THR B 237 16.02 -24.05 -14.57
CA THR B 237 15.37 -23.40 -15.70
C THR B 237 15.34 -21.89 -15.49
N ALA B 238 14.97 -21.45 -14.29
CA ALA B 238 14.90 -20.03 -13.96
C ALA B 238 16.28 -19.39 -14.12
N LYS B 239 17.33 -20.12 -13.73
CA LYS B 239 18.71 -19.64 -13.82
C LYS B 239 19.16 -19.59 -15.28
N ASP B 240 18.71 -20.57 -16.07
CA ASP B 240 19.06 -20.65 -17.48
C ASP B 240 18.44 -19.49 -18.26
N LEU B 241 17.30 -18.98 -17.75
CA LEU B 241 16.58 -17.90 -18.41
C LEU B 241 17.27 -16.56 -18.15
N VAL B 242 17.55 -16.25 -16.87
CA VAL B 242 18.19 -14.99 -16.50
C VAL B 242 19.56 -14.90 -17.16
N SER B 243 20.30 -16.03 -17.18
CA SER B 243 21.61 -16.07 -17.79
C SER B 243 21.54 -15.59 -19.24
N LYS B 244 20.53 -16.10 -19.96
CA LYS B 244 20.36 -15.81 -21.38
C LYS B 244 19.74 -14.43 -21.58
N MET B 245 18.88 -14.01 -20.65
CA MET B 245 18.23 -12.71 -20.72
C MET B 245 19.24 -11.58 -20.43
N LEU B 246 20.26 -11.91 -19.62
CA LEU B 246 21.26 -10.93 -19.20
C LEU B 246 22.61 -11.25 -19.83
N HIS B 247 22.62 -11.69 -21.09
CA HIS B 247 23.86 -11.88 -21.83
C HIS B 247 24.45 -10.51 -22.13
N VAL B 248 25.79 -10.42 -22.06
CA VAL B 248 26.49 -9.15 -22.06
C VAL B 248 26.29 -8.44 -23.40
N ASP B 249 26.32 -9.22 -24.50
CA ASP B 249 26.05 -8.69 -25.83
C ASP B 249 24.54 -8.58 -26.02
N PRO B 250 23.98 -7.37 -26.23
CA PRO B 250 22.54 -7.21 -26.43
C PRO B 250 21.95 -7.99 -27.62
N HIS B 251 22.78 -8.21 -28.65
CA HIS B 251 22.36 -8.88 -29.87
C HIS B 251 22.43 -10.40 -29.70
N GLN B 252 22.96 -10.87 -28.57
CA GLN B 252 22.99 -12.30 -28.26
C GLN B 252 21.99 -12.64 -27.15
N ARG B 253 21.26 -11.63 -26.65
CA ARG B 253 20.18 -11.84 -25.70
C ARG B 253 19.00 -12.46 -26.45
N LEU B 254 18.09 -13.10 -25.69
CA LEU B 254 16.88 -13.68 -26.26
C LEU B 254 15.95 -12.56 -26.73
N THR B 255 15.11 -12.87 -27.72
CA THR B 255 14.02 -12.01 -28.10
C THR B 255 12.88 -12.21 -27.12
N ALA B 256 11.87 -11.34 -27.19
CA ALA B 256 10.70 -11.45 -26.34
C ALA B 256 10.01 -12.80 -26.55
N LYS B 257 10.01 -13.27 -27.81
CA LYS B 257 9.34 -14.51 -28.18
C LYS B 257 10.08 -15.69 -27.55
N GLN B 258 11.40 -15.74 -27.70
CA GLN B 258 12.20 -16.86 -27.23
C GLN B 258 12.08 -17.02 -25.72
N VAL B 259 11.91 -15.90 -25.01
CA VAL B 259 11.68 -15.90 -23.57
C VAL B 259 10.36 -16.61 -23.28
N LEU B 260 9.31 -16.26 -24.04
CA LEU B 260 7.97 -16.79 -23.82
C LEU B 260 7.90 -18.27 -24.20
N GLN B 261 8.82 -18.71 -25.05
CA GLN B 261 8.91 -20.11 -25.44
C GLN B 261 9.66 -20.92 -24.39
N HIS B 262 10.36 -20.24 -23.48
CA HIS B 262 11.23 -20.89 -22.51
C HIS B 262 10.40 -21.75 -21.56
N PRO B 263 10.86 -22.98 -21.22
CA PRO B 263 10.16 -23.85 -20.27
C PRO B 263 9.73 -23.22 -18.94
N TRP B 264 10.51 -22.27 -18.42
CA TRP B 264 10.18 -21.58 -17.19
C TRP B 264 8.82 -20.90 -17.33
N VAL B 265 8.57 -20.28 -18.49
CA VAL B 265 7.33 -19.54 -18.73
C VAL B 265 6.21 -20.51 -19.08
N THR B 266 6.49 -21.44 -20.02
CA THR B 266 5.46 -22.31 -20.56
C THR B 266 4.98 -23.29 -19.48
N GLN B 267 5.90 -24.14 -19.01
CA GLN B 267 5.56 -25.20 -18.07
C GLN B 267 5.52 -24.64 -16.65
N LYS B 268 4.39 -24.01 -16.30
CA LYS B 268 4.23 -23.39 -14.99
C LYS B 268 3.84 -24.44 -13.94
N ASP B 269 3.40 -25.61 -14.39
CA ASP B 269 2.96 -26.67 -13.49
C ASP B 269 4.17 -27.35 -12.84
N LYS B 270 5.33 -27.26 -13.48
CA LYS B 270 6.54 -27.91 -12.99
C LYS B 270 7.33 -26.97 -12.08
N LEU B 271 6.85 -25.74 -11.88
CA LEU B 271 7.58 -24.73 -11.14
C LEU B 271 7.36 -24.91 -9.64
N PRO B 272 8.39 -24.70 -8.79
CA PRO B 272 8.20 -24.58 -7.34
C PRO B 272 7.20 -23.48 -6.96
N GLN B 273 6.57 -23.65 -5.80
CA GLN B 273 5.47 -22.80 -5.38
C GLN B 273 5.71 -22.30 -3.96
N SER B 274 6.99 -22.24 -3.55
CA SER B 274 7.35 -21.83 -2.20
C SER B 274 7.74 -20.35 -2.19
N GLN B 275 7.44 -19.68 -1.07
CA GLN B 275 7.72 -18.26 -0.90
C GLN B 275 9.20 -18.00 -1.13
N LEU B 276 9.49 -16.93 -1.88
CA LEU B 276 10.85 -16.54 -2.24
C LEU B 276 11.38 -15.53 -1.23
N SER B 277 12.69 -15.64 -0.94
CA SER B 277 13.38 -14.71 -0.04
C SER B 277 13.50 -13.34 -0.70
N HIS B 278 13.47 -12.29 0.12
CA HIS B 278 13.59 -10.92 -0.37
C HIS B 278 14.07 -10.01 0.75
N GLN B 279 14.95 -9.07 0.39
CA GLN B 279 15.47 -8.08 1.32
C GLN B 279 14.48 -6.92 1.43
N ASP B 280 14.84 -5.91 2.23
CA ASP B 280 13.97 -4.77 2.46
C ASP B 280 13.53 -4.18 1.13
N LEU B 281 12.31 -3.62 1.11
CA LEU B 281 11.73 -3.10 -0.12
C LEU B 281 12.47 -1.84 -0.57
N GLN B 282 12.62 -0.88 0.35
CA GLN B 282 13.25 0.40 0.04
C GLN B 282 14.70 0.18 -0.39
N LEU B 283 15.32 -0.88 0.14
CA LEU B 283 16.68 -1.26 -0.24
C LEU B 283 16.70 -1.69 -1.70
N VAL B 284 15.76 -2.55 -2.08
CA VAL B 284 15.72 -3.12 -3.42
C VAL B 284 15.25 -2.08 -4.43
N LYS B 285 14.33 -1.20 -4.00
CA LYS B 285 13.84 -0.11 -4.83
C LYS B 285 14.96 0.90 -5.09
N GLY B 286 15.77 1.17 -4.05
CA GLY B 286 16.89 2.09 -4.15
C GLY B 286 18.03 1.54 -5.01
N ALA B 287 18.29 0.23 -4.89
CA ALA B 287 19.32 -0.44 -5.68
C ALA B 287 18.95 -0.41 -7.16
N MET B 288 17.65 -0.55 -7.45
CA MET B 288 17.15 -0.59 -8.82
C MET B 288 17.21 0.81 -9.42
N ALA B 289 16.77 1.81 -8.64
CA ALA B 289 16.83 3.21 -9.03
C ALA B 289 18.26 3.61 -9.34
N ALA B 290 19.21 3.13 -8.53
CA ALA B 290 20.62 3.41 -8.69
C ALA B 290 21.17 2.71 -9.93
N THR B 291 20.67 1.50 -10.21
CA THR B 291 21.10 0.74 -11.37
C THR B 291 20.76 1.52 -12.65
N TYR B 292 19.51 1.97 -12.74
CA TYR B 292 19.02 2.64 -13.94
C TYR B 292 19.59 4.06 -14.02
N SER B 293 19.80 4.70 -12.86
CA SER B 293 20.45 6.00 -12.81
C SER B 293 21.84 5.92 -13.45
N ALA B 294 22.54 4.80 -13.21
CA ALA B 294 23.90 4.60 -13.71
C ALA B 294 23.89 4.44 -15.23
N LEU B 295 22.81 3.85 -15.77
CA LEU B 295 22.70 3.61 -17.20
C LEU B 295 22.40 4.91 -17.93
N ASN B 296 21.63 5.81 -17.29
CA ASN B 296 21.29 7.10 -17.89
C ASN B 296 22.53 7.95 -18.04
N SER B 297 23.55 7.70 -17.21
CA SER B 297 24.86 8.33 -17.37
C SER B 297 25.47 7.93 -18.72
N SER B 298 25.58 6.61 -18.93
CA SER B 298 26.17 6.06 -20.14
C SER B 298 25.11 5.92 -21.23
C1 EDO C . -3.27 -8.58 18.29
O1 EDO C . -2.38 -7.74 19.02
C2 EDO C . -3.01 -8.58 16.83
O2 EDO C . -3.49 -7.41 16.20
C1 EDO D . -12.12 20.32 2.85
O1 EDO D . -13.44 20.50 2.39
C2 EDO D . -11.72 21.33 3.89
O2 EDO D . -10.71 20.85 4.76
C1 EDO E . 1.96 7.90 -18.01
O1 EDO E . 2.09 6.84 -17.09
C2 EDO E . 1.47 7.48 -19.34
O2 EDO E . 2.50 7.38 -20.31
C1 EDO F . 23.14 -2.92 -21.04
O1 EDO F . 24.21 -3.82 -21.23
C2 EDO F . 22.03 -3.12 -22.01
O2 EDO F . 20.97 -2.21 -21.83
#